data_1DNL
#
_entry.id   1DNL
#
_cell.length_a   63.71
_cell.length_b   63.71
_cell.length_c   125.25
_cell.angle_alpha   90
_cell.angle_beta   90
_cell.angle_gamma   120
#
_symmetry.space_group_name_H-M   'P 31 2 1'
#
loop_
_entity.id
_entity.type
_entity.pdbx_description
1 polymer "PYRIDOXINE 5'-PHOSPHATE OXIDASE"
2 non-polymer 'PHOSPHATE ION'
3 non-polymer 'FLAVIN MONONUCLEOTIDE'
4 water water
#
_entity_poly.entity_id   1
_entity_poly.type   'polypeptide(L)'
_entity_poly.pdbx_seq_one_letter_code
;GGLRRRDLPADPLTLFERWLSQACEAKLADPTA(MSE)VVATVDEHGQPYQRIVLLKHYDEKG(MSE)VFYTNLGSRKAH
QIENNPRVSLLFPWHTLERQV(MSE)VIGKAERLSTLEV(MSE)KYFHSRPRDSQIGAWVSKQSSRISARGILESKFLEL
KQKFQQGEVPLPSFWGGFRVSLEQIEFWQGGEHRLHDRFLYQRENDAWKIDRLAP
;
_entity_poly.pdbx_strand_id   A
#
loop_
_chem_comp.id
_chem_comp.type
_chem_comp.name
_chem_comp.formula
FMN non-polymer 'FLAVIN MONONUCLEOTIDE' 'C17 H21 N4 O9 P'
PO4 non-polymer 'PHOSPHATE ION' 'O4 P -3'
#
# COMPACT_ATOMS: atom_id res chain seq x y z
N GLY A 1 -3.30 -20.66 -19.03
CA GLY A 1 -2.45 -21.87 -18.90
C GLY A 1 -2.08 -22.21 -17.45
N GLY A 2 -2.88 -21.72 -16.51
CA GLY A 2 -2.62 -22.00 -15.11
C GLY A 2 -1.28 -21.45 -14.67
N LEU A 3 -0.94 -21.66 -13.41
CA LEU A 3 0.32 -21.19 -12.87
C LEU A 3 1.13 -22.39 -12.39
N ARG A 4 2.20 -22.72 -13.12
CA ARG A 4 3.04 -23.86 -12.77
C ARG A 4 4.36 -23.39 -12.19
N ARG A 5 4.90 -24.16 -11.25
CA ARG A 5 6.17 -23.82 -10.63
C ARG A 5 7.30 -23.58 -11.63
N ARG A 6 7.39 -24.45 -12.64
CA ARG A 6 8.46 -24.34 -13.62
C ARG A 6 8.47 -23.01 -14.37
N ASP A 7 7.35 -22.29 -14.34
CA ASP A 7 7.26 -21.00 -15.03
C ASP A 7 7.43 -19.78 -14.11
N LEU A 8 7.57 -20.02 -12.81
CA LEU A 8 7.73 -18.93 -11.85
C LEU A 8 9.10 -18.25 -11.96
N PRO A 9 9.15 -16.92 -11.83
CA PRO A 9 10.44 -16.22 -11.90
C PRO A 9 11.13 -16.38 -10.54
N ALA A 10 12.46 -16.22 -10.52
CA ALA A 10 13.21 -16.35 -9.28
C ALA A 10 12.87 -15.24 -8.28
N ASP A 11 12.62 -14.04 -8.77
CA ASP A 11 12.28 -12.90 -7.94
C ASP A 11 10.77 -12.69 -8.00
N PRO A 12 10.07 -12.77 -6.85
CA PRO A 12 8.61 -12.58 -6.89
C PRO A 12 8.18 -11.25 -7.46
N LEU A 13 9.02 -10.22 -7.34
CA LEU A 13 8.65 -8.92 -7.88
C LEU A 13 8.51 -8.95 -9.39
N THR A 14 9.15 -9.91 -10.04
CA THR A 14 9.06 -10.04 -11.49
C THR A 14 7.64 -10.45 -11.83
N LEU A 15 7.09 -11.38 -11.04
CA LEU A 15 5.73 -11.84 -11.27
C LEU A 15 4.74 -10.73 -10.90
N PHE A 16 5.00 -10.05 -9.78
CA PHE A 16 4.12 -8.97 -9.36
C PHE A 16 4.07 -7.87 -10.43
N GLU A 17 5.24 -7.48 -10.93
CA GLU A 17 5.31 -6.44 -11.96
C GLU A 17 4.47 -6.82 -13.16
N ARG A 18 4.54 -8.09 -13.55
CA ARG A 18 3.78 -8.59 -14.69
C ARG A 18 2.28 -8.51 -14.44
N TRP A 19 1.86 -8.95 -13.26
CA TRP A 19 0.45 -8.91 -12.88
C TRP A 19 -0.08 -7.49 -12.75
N LEU A 20 0.73 -6.60 -12.17
CA LEU A 20 0.32 -5.21 -12.00
C LEU A 20 0.14 -4.59 -13.40
N SER A 21 1.08 -4.90 -14.29
CA SER A 21 1.03 -4.39 -15.64
C SER A 21 -0.25 -4.87 -16.34
N GLN A 22 -0.60 -6.14 -16.13
CA GLN A 22 -1.80 -6.67 -16.77
C GLN A 22 -3.08 -6.07 -16.19
N ALA A 23 -3.05 -5.70 -14.92
CA ALA A 23 -4.20 -5.09 -14.27
C ALA A 23 -4.44 -3.68 -14.85
N CYS A 24 -3.35 -2.96 -15.10
CA CYS A 24 -3.46 -1.62 -15.67
C CYS A 24 -4.01 -1.72 -17.08
N GLU A 25 -3.51 -2.72 -17.82
CA GLU A 25 -3.91 -2.95 -19.19
C GLU A 25 -5.40 -3.32 -19.29
N ALA A 26 -5.90 -4.02 -18.28
CA ALA A 26 -7.31 -4.44 -18.27
C ALA A 26 -8.19 -3.31 -17.74
N LYS A 27 -7.57 -2.20 -17.40
CA LYS A 27 -8.26 -1.03 -16.89
C LYS A 27 -9.06 -1.22 -15.60
N LEU A 28 -8.48 -1.94 -14.63
CA LEU A 28 -9.17 -2.13 -13.37
C LEU A 28 -9.10 -0.79 -12.68
N ALA A 29 -10.08 -0.49 -11.84
CA ALA A 29 -10.05 0.78 -11.12
C ALA A 29 -8.94 0.66 -10.09
N ASP A 30 -8.15 1.73 -9.95
CA ASP A 30 -7.05 1.78 -8.99
C ASP A 30 -6.24 0.47 -8.91
N PRO A 31 -5.47 0.13 -9.96
CA PRO A 31 -4.68 -1.11 -9.92
C PRO A 31 -3.66 -1.12 -8.78
N THR A 32 -3.27 0.07 -8.32
CA THR A 32 -2.29 0.16 -7.24
C THR A 32 -2.96 0.17 -5.87
N ALA A 33 -4.29 0.07 -5.86
CA ALA A 33 -5.02 0.06 -4.59
C ALA A 33 -4.73 -1.27 -3.88
N MSE A 34 -4.39 -1.18 -2.61
CA MSE A 34 -4.10 -2.37 -1.82
C MSE A 34 -4.68 -2.18 -0.42
O MSE A 34 -4.73 -1.06 0.09
CB MSE A 34 -2.58 -2.64 -1.73
CG MSE A 34 -1.71 -1.53 -1.12
SE MSE A 34 0.12 -1.87 -1.20
CE MSE A 34 0.74 -0.34 -0.29
N VAL A 35 -5.14 -3.27 0.19
CA VAL A 35 -5.71 -3.21 1.53
C VAL A 35 -4.58 -3.43 2.54
N VAL A 36 -4.35 -2.47 3.43
CA VAL A 36 -3.30 -2.66 4.42
C VAL A 36 -3.92 -2.99 5.77
N ALA A 37 -3.44 -4.07 6.35
CA ALA A 37 -3.93 -4.50 7.64
C ALA A 37 -2.87 -4.25 8.68
N THR A 38 -3.29 -3.63 9.79
CA THR A 38 -2.41 -3.35 10.93
C THR A 38 -3.12 -3.94 12.16
N VAL A 39 -2.43 -3.98 13.30
CA VAL A 39 -3.00 -4.55 14.52
C VAL A 39 -2.83 -3.58 15.68
N ASP A 40 -3.89 -3.37 16.47
CA ASP A 40 -3.77 -2.46 17.60
C ASP A 40 -3.19 -3.13 18.85
N GLU A 41 -3.11 -2.38 19.94
CA GLU A 41 -2.53 -2.89 21.19
C GLU A 41 -3.29 -4.04 21.83
N HIS A 42 -4.54 -4.26 21.40
CA HIS A 42 -5.36 -5.33 21.95
C HIS A 42 -5.40 -6.59 21.07
N GLY A 43 -4.63 -6.60 20.00
CA GLY A 43 -4.62 -7.75 19.12
C GLY A 43 -5.73 -7.70 18.08
N GLN A 44 -6.36 -6.53 17.96
CA GLN A 44 -7.44 -6.35 16.98
C GLN A 44 -6.92 -5.84 15.64
N PRO A 45 -7.18 -6.60 14.55
CA PRO A 45 -6.70 -6.09 13.26
C PRO A 45 -7.65 -5.03 12.71
N TYR A 46 -7.10 -4.10 11.94
CA TYR A 46 -7.86 -3.04 11.28
C TYR A 46 -7.40 -2.99 9.83
N GLN A 47 -8.29 -2.57 8.94
CA GLN A 47 -7.97 -2.51 7.52
C GLN A 47 -8.49 -1.25 6.84
N ARG A 48 -7.81 -0.87 5.77
CA ARG A 48 -8.22 0.29 4.96
C ARG A 48 -7.40 0.22 3.68
N ILE A 49 -7.95 0.78 2.60
CA ILE A 49 -7.20 0.80 1.34
C ILE A 49 -6.27 2.00 1.25
N VAL A 50 -5.10 1.78 0.64
CA VAL A 50 -4.14 2.85 0.36
C VAL A 50 -3.57 2.55 -1.03
N LEU A 51 -2.89 3.51 -1.61
CA LEU A 51 -2.31 3.29 -2.92
C LEU A 51 -0.81 3.00 -2.86
N LEU A 52 -0.39 1.99 -3.60
CA LEU A 52 1.02 1.63 -3.70
C LEU A 52 1.63 2.73 -4.57
N LYS A 53 2.67 3.39 -4.08
CA LYS A 53 3.29 4.46 -4.84
C LYS A 53 4.64 4.13 -5.48
N HIS A 54 5.36 3.19 -4.87
CA HIS A 54 6.66 2.74 -5.35
C HIS A 54 7.02 1.43 -4.70
N TYR A 55 7.82 0.62 -5.40
CA TYR A 55 8.26 -0.64 -4.85
C TYR A 55 9.54 -1.14 -5.51
N ASP A 56 10.31 -1.88 -4.73
CA ASP A 56 11.56 -2.50 -5.18
C ASP A 56 11.91 -3.55 -4.14
N GLU A 57 13.08 -4.16 -4.26
CA GLU A 57 13.46 -5.23 -3.33
C GLU A 57 13.42 -4.87 -1.84
N LYS A 58 13.50 -3.58 -1.53
CA LYS A 58 13.46 -3.13 -0.14
C LYS A 58 12.03 -3.07 0.41
N GLY A 59 11.04 -3.11 -0.48
CA GLY A 59 9.66 -3.09 -0.02
C GLY A 59 8.69 -2.24 -0.80
N MSE A 60 7.42 -2.26 -0.37
CA MSE A 60 6.35 -1.50 -1.01
C MSE A 60 6.03 -0.25 -0.18
O MSE A 60 5.92 -0.33 1.05
CB MSE A 60 5.11 -2.37 -1.17
CG MSE A 60 5.31 -3.52 -2.16
SE MSE A 60 3.81 -4.52 -2.37
CE MSE A 60 4.35 -5.61 -3.80
N VAL A 61 5.88 0.87 -0.87
CA VAL A 61 5.67 2.16 -0.22
C VAL A 61 4.31 2.83 -0.40
N PHE A 62 3.77 3.38 0.69
CA PHE A 62 2.53 4.15 0.65
C PHE A 62 2.72 5.36 1.56
N TYR A 63 1.92 6.40 1.35
CA TYR A 63 2.02 7.61 2.16
C TYR A 63 0.72 7.81 2.93
N THR A 64 0.79 8.49 4.07
CA THR A 64 -0.38 8.68 4.91
C THR A 64 -0.13 9.77 5.93
N ASN A 65 -1.16 10.09 6.72
CA ASN A 65 -1.07 11.11 7.76
C ASN A 65 -0.47 10.42 9.00
N LEU A 66 0.56 11.02 9.57
CA LEU A 66 1.24 10.42 10.72
C LEU A 66 0.44 10.40 12.02
N GLY A 67 -0.70 11.09 12.06
CA GLY A 67 -1.53 11.08 13.25
C GLY A 67 -2.69 10.11 13.10
N SER A 68 -2.76 9.44 11.95
CA SER A 68 -3.85 8.49 11.67
C SER A 68 -3.78 7.22 12.52
N ARG A 69 -4.86 6.46 12.49
CA ARG A 69 -4.94 5.24 13.27
C ARG A 69 -3.93 4.21 12.77
N LYS A 70 -3.77 4.09 11.46
CA LYS A 70 -2.82 3.10 10.95
C LYS A 70 -1.39 3.44 11.40
N ALA A 71 -1.07 4.73 11.48
CA ALA A 71 0.27 5.15 11.91
C ALA A 71 0.47 4.83 13.39
N HIS A 72 -0.51 5.14 14.22
CA HIS A 72 -0.42 4.83 15.65
C HIS A 72 -0.27 3.31 15.85
N GLN A 73 -0.99 2.54 15.05
CA GLN A 73 -0.94 1.10 15.20
C GLN A 73 0.42 0.55 14.77
N ILE A 74 0.96 1.07 13.67
CA ILE A 74 2.27 0.64 13.20
C ILE A 74 3.36 0.97 14.23
N GLU A 75 3.25 2.14 14.89
CA GLU A 75 4.25 2.50 15.89
C GLU A 75 4.30 1.51 17.05
N ASN A 76 3.17 0.88 17.34
CA ASN A 76 3.10 -0.10 18.43
C ASN A 76 3.42 -1.53 17.95
N ASN A 77 3.10 -1.80 16.69
CA ASN A 77 3.33 -3.13 16.09
C ASN A 77 3.60 -2.89 14.61
N PRO A 78 4.87 -3.00 14.18
CA PRO A 78 5.26 -2.78 12.78
C PRO A 78 4.89 -3.86 11.77
N ARG A 79 4.32 -4.96 12.24
CA ARG A 79 3.93 -6.07 11.36
C ARG A 79 2.65 -5.74 10.59
N VAL A 80 2.74 -5.78 9.26
CA VAL A 80 1.57 -5.49 8.45
C VAL A 80 1.38 -6.48 7.32
N SER A 81 0.17 -6.47 6.75
CA SER A 81 -0.15 -7.33 5.62
C SER A 81 -0.75 -6.42 4.57
N LEU A 82 -0.42 -6.69 3.31
CA LEU A 82 -0.92 -5.92 2.19
C LEU A 82 -1.62 -6.89 1.24
N LEU A 83 -2.79 -6.53 0.75
CA LEU A 83 -3.49 -7.42 -0.19
C LEU A 83 -4.03 -6.64 -1.38
N PHE A 84 -3.72 -7.13 -2.57
CA PHE A 84 -4.19 -6.52 -3.80
C PHE A 84 -5.44 -7.29 -4.20
N PRO A 85 -6.62 -6.66 -4.08
CA PRO A 85 -7.90 -7.27 -4.40
C PRO A 85 -8.15 -7.32 -5.91
N TRP A 86 -7.41 -8.19 -6.60
CA TRP A 86 -7.55 -8.29 -8.04
C TRP A 86 -8.42 -9.47 -8.47
N HIS A 87 -9.44 -9.78 -7.69
CA HIS A 87 -10.32 -10.90 -8.01
C HIS A 87 -11.07 -10.74 -9.33
N THR A 88 -11.22 -9.52 -9.82
CA THR A 88 -11.92 -9.33 -11.09
C THR A 88 -11.10 -10.04 -12.18
N LEU A 89 -9.81 -10.21 -11.92
CA LEU A 89 -8.93 -10.91 -12.84
C LEU A 89 -8.56 -12.27 -12.26
N GLU A 90 -9.33 -12.69 -11.27
CA GLU A 90 -9.11 -13.98 -10.62
C GLU A 90 -7.72 -14.10 -10.00
N ARG A 91 -7.30 -13.04 -9.33
CA ARG A 91 -5.99 -13.01 -8.70
C ARG A 91 -5.98 -12.27 -7.38
N GLN A 92 -5.00 -12.60 -6.54
CA GLN A 92 -4.80 -11.90 -5.28
C GLN A 92 -3.30 -11.96 -5.07
N VAL A 93 -2.74 -10.93 -4.47
CA VAL A 93 -1.33 -10.92 -4.13
C VAL A 93 -1.35 -10.43 -2.68
N MSE A 94 -0.61 -11.11 -1.80
CA MSE A 94 -0.55 -10.72 -0.39
C MSE A 94 0.91 -10.60 -0.01
O MSE A 94 1.71 -11.48 -0.35
CB MSE A 94 -1.27 -11.74 0.48
CG MSE A 94 -1.74 -11.24 1.84
CG MSE A 94 -2.71 -11.89 0.12
SE MSE A 94 -0.68 -11.79 3.21
SE MSE A 94 -2.92 -13.41 -0.76
CE MSE A 94 -1.08 -13.57 3.21
CE MSE A 94 -3.58 -14.41 0.60
N VAL A 95 1.24 -9.53 0.69
CA VAL A 95 2.61 -9.27 1.12
C VAL A 95 2.64 -9.13 2.64
N ILE A 96 3.61 -9.79 3.27
CA ILE A 96 3.80 -9.74 4.72
C ILE A 96 5.16 -9.10 4.97
N GLY A 97 5.19 -8.09 5.85
CA GLY A 97 6.46 -7.45 6.16
C GLY A 97 6.35 -6.48 7.32
N LYS A 98 7.42 -5.75 7.58
CA LYS A 98 7.47 -4.75 8.66
C LYS A 98 7.41 -3.38 8.02
N ALA A 99 6.62 -2.47 8.59
CA ALA A 99 6.52 -1.11 8.08
C ALA A 99 7.56 -0.23 8.77
N GLU A 100 8.31 0.52 7.98
CA GLU A 100 9.34 1.42 8.51
C GLU A 100 9.07 2.79 7.93
N ARG A 101 9.31 3.84 8.71
CA ARG A 101 9.09 5.20 8.25
C ARG A 101 10.10 5.62 7.17
N LEU A 102 9.65 6.43 6.21
CA LEU A 102 10.53 6.97 5.18
C LEU A 102 11.16 8.25 5.77
N SER A 103 12.29 8.68 5.21
CA SER A 103 12.98 9.89 5.67
C SER A 103 12.28 11.10 5.06
N THR A 104 12.53 12.30 5.60
CA THR A 104 11.84 13.45 5.01
C THR A 104 12.33 13.73 3.60
N LEU A 105 13.59 13.39 3.29
CA LEU A 105 14.10 13.61 1.94
C LEU A 105 13.19 12.84 0.95
N GLU A 106 12.91 11.58 1.27
CA GLU A 106 12.07 10.77 0.42
C GLU A 106 10.64 11.31 0.35
N VAL A 107 10.08 11.64 1.51
CA VAL A 107 8.73 12.17 1.57
C VAL A 107 8.62 13.48 0.80
N MSE A 108 9.54 14.41 1.02
CA MSE A 108 9.49 15.70 0.32
C MSE A 108 9.53 15.47 -1.20
O MSE A 108 8.73 16.04 -1.94
CB MSE A 108 10.68 16.60 0.68
CG MSE A 108 10.60 17.99 0.08
CG MSE A 108 10.92 16.86 2.18
SE MSE A 108 11.41 18.12 -1.52
SE MSE A 108 12.13 18.19 2.51
CE MSE A 108 12.92 18.98 -1.04
CE MSE A 108 11.06 19.33 3.41
N LYS A 109 10.46 14.62 -1.64
CA LYS A 109 10.61 14.32 -3.06
C LYS A 109 9.31 13.83 -3.69
N TYR A 110 8.69 12.82 -3.10
CA TYR A 110 7.44 12.32 -3.66
C TYR A 110 6.33 13.36 -3.56
N PHE A 111 6.22 14.01 -2.40
CA PHE A 111 5.18 15.01 -2.17
C PHE A 111 5.18 16.14 -3.22
N HIS A 112 6.36 16.64 -3.57
CA HIS A 112 6.43 17.73 -4.53
C HIS A 112 6.35 17.28 -5.99
N SER A 113 6.14 15.98 -6.20
CA SER A 113 6.04 15.44 -7.55
C SER A 113 4.60 15.10 -7.89
N ARG A 114 3.69 15.31 -6.94
CA ARG A 114 2.28 15.01 -7.16
C ARG A 114 1.49 16.30 -7.45
N PRO A 115 0.33 16.18 -8.14
CA PRO A 115 -0.49 17.35 -8.46
C PRO A 115 -0.64 18.31 -7.27
N ARG A 116 -0.70 19.60 -7.56
CA ARG A 116 -0.81 20.59 -6.50
C ARG A 116 -2.08 20.55 -5.67
N ASP A 117 -3.20 20.10 -6.25
CA ASP A 117 -4.42 20.03 -5.47
C ASP A 117 -4.35 18.91 -4.44
N SER A 118 -3.53 17.91 -4.70
CA SER A 118 -3.37 16.80 -3.76
C SER A 118 -2.41 17.25 -2.66
N GLN A 119 -1.47 18.10 -3.03
CA GLN A 119 -0.51 18.62 -2.06
C GLN A 119 -1.29 19.48 -1.05
N ILE A 120 -2.25 20.24 -1.56
CA ILE A 120 -3.08 21.10 -0.71
C ILE A 120 -4.03 20.31 0.18
N GLY A 121 -4.63 19.27 -0.37
CA GLY A 121 -5.56 18.46 0.42
C GLY A 121 -4.92 17.74 1.59
N ALA A 122 -3.62 17.44 1.48
CA ALA A 122 -2.91 16.75 2.56
C ALA A 122 -2.94 17.57 3.85
N TRP A 123 -3.08 18.88 3.72
CA TRP A 123 -3.10 19.79 4.86
C TRP A 123 -4.44 19.85 5.59
N VAL A 124 -5.51 19.60 4.85
CA VAL A 124 -6.87 19.69 5.35
C VAL A 124 -7.28 18.90 6.58
N SER A 125 -7.17 17.58 6.49
CA SER A 125 -7.66 16.70 7.53
C SER A 125 -6.75 16.09 8.60
N LYS A 126 -7.25 16.10 9.83
CA LYS A 126 -6.56 15.48 10.96
C LYS A 126 -7.06 14.04 10.87
N GLN A 127 -6.61 13.36 9.83
CA GLN A 127 -7.00 11.99 9.52
C GLN A 127 -7.32 11.05 10.68
N SER A 128 -8.50 10.44 10.63
CA SER A 128 -8.97 9.48 11.62
C SER A 128 -9.56 10.02 12.93
N SER A 129 -9.35 11.29 13.23
CA SER A 129 -9.92 11.84 14.46
C SER A 129 -11.43 12.10 14.26
N ARG A 130 -12.17 12.05 15.36
CA ARG A 130 -13.60 12.32 15.30
C ARG A 130 -13.79 13.81 15.07
N ILE A 131 -14.66 14.17 14.13
CA ILE A 131 -14.95 15.58 13.85
C ILE A 131 -16.47 15.76 13.96
N SER A 132 -16.92 16.92 14.42
CA SER A 132 -18.35 17.10 14.61
C SER A 132 -19.20 17.39 13.39
N ALA A 133 -18.57 17.79 12.30
CA ALA A 133 -19.32 18.10 11.09
C ALA A 133 -18.43 18.15 9.86
N ARG A 134 -19.01 17.87 8.70
CA ARG A 134 -18.29 17.91 7.43
C ARG A 134 -17.75 19.34 7.17
N GLY A 135 -18.53 20.33 7.61
CA GLY A 135 -18.15 21.73 7.41
C GLY A 135 -16.73 22.09 7.83
N ILE A 136 -16.24 21.42 8.86
CA ILE A 136 -14.88 21.65 9.37
C ILE A 136 -13.87 21.44 8.26
N LEU A 137 -14.07 20.39 7.47
CA LEU A 137 -13.18 20.07 6.37
C LEU A 137 -13.30 21.09 5.25
N GLU A 138 -14.54 21.43 4.92
CA GLU A 138 -14.81 22.38 3.86
C GLU A 138 -14.23 23.76 4.12
N SER A 139 -14.39 24.25 5.34
CA SER A 139 -13.86 25.56 5.71
C SER A 139 -12.33 25.59 5.63
N LYS A 140 -11.70 24.57 6.20
CA LYS A 140 -10.25 24.48 6.19
C LYS A 140 -9.73 24.40 4.76
N PHE A 141 -10.41 23.65 3.91
CA PHE A 141 -10.00 23.53 2.52
C PHE A 141 -10.02 24.89 1.82
N LEU A 142 -11.10 25.64 1.99
CA LEU A 142 -11.21 26.97 1.38
C LEU A 142 -10.08 27.86 1.86
N GLU A 143 -9.83 27.84 3.17
CA GLU A 143 -8.77 28.64 3.78
C GLU A 143 -7.40 28.31 3.18
N LEU A 144 -7.07 27.03 3.16
CA LEU A 144 -5.79 26.58 2.62
C LEU A 144 -5.69 26.82 1.12
N LYS A 145 -6.80 26.62 0.42
CA LYS A 145 -6.83 26.78 -1.02
C LYS A 145 -6.56 28.22 -1.45
N GLN A 146 -6.64 29.15 -0.49
CA GLN A 146 -6.40 30.55 -0.77
C GLN A 146 -5.15 31.05 -0.06
N LYS A 147 -4.93 30.57 1.17
CA LYS A 147 -3.76 30.96 1.95
C LYS A 147 -2.49 30.55 1.24
N PHE A 148 -2.57 29.46 0.49
CA PHE A 148 -1.43 28.98 -0.25
C PHE A 148 -1.37 29.62 -1.62
N GLN A 149 -2.52 29.77 -2.25
CA GLN A 149 -2.57 30.34 -3.59
C GLN A 149 -1.88 29.30 -4.47
N GLN A 150 -1.36 28.28 -3.77
CA GLN A 150 -0.62 27.15 -4.33
C GLN A 150 0.77 27.54 -4.80
N GLY A 151 1.36 28.57 -4.16
CA GLY A 151 2.69 29.03 -4.51
C GLY A 151 3.66 27.91 -4.77
N GLU A 152 3.67 26.93 -3.87
CA GLU A 152 4.51 25.75 -3.99
C GLU A 152 4.07 24.73 -2.95
N VAL A 153 3.10 25.14 -2.14
CA VAL A 153 2.53 24.31 -1.06
C VAL A 153 3.56 23.45 -0.34
N PRO A 154 3.89 23.83 0.91
CA PRO A 154 4.86 23.15 1.78
C PRO A 154 4.40 21.78 2.27
N LEU A 155 5.37 20.96 2.69
CA LEU A 155 5.09 19.63 3.19
C LEU A 155 4.59 19.74 4.63
N PRO A 156 3.42 19.16 4.93
CA PRO A 156 2.89 19.21 6.30
C PRO A 156 3.83 18.38 7.16
N SER A 157 4.06 18.78 8.41
CA SER A 157 4.96 18.01 9.27
C SER A 157 4.32 16.66 9.61
N PHE A 158 2.99 16.58 9.49
CA PHE A 158 2.28 15.35 9.82
C PHE A 158 2.05 14.43 8.61
N TRP A 159 2.73 14.69 7.50
CA TRP A 159 2.58 13.84 6.32
C TRP A 159 3.83 12.98 6.23
N GLY A 160 3.65 11.68 6.01
CA GLY A 160 4.81 10.81 5.92
C GLY A 160 4.53 9.58 5.08
N GLY A 161 5.42 8.60 5.21
CA GLY A 161 5.27 7.39 4.44
C GLY A 161 5.89 6.18 5.12
N PHE A 162 5.49 5.01 4.65
CA PHE A 162 6.00 3.77 5.20
C PHE A 162 6.43 2.85 4.07
N ARG A 163 7.51 2.10 4.32
CA ARG A 163 7.98 1.11 3.38
C ARG A 163 7.78 -0.23 4.07
N VAL A 164 7.05 -1.13 3.43
CA VAL A 164 6.78 -2.45 3.99
C VAL A 164 7.76 -3.46 3.40
N SER A 165 8.56 -4.10 4.25
CA SER A 165 9.54 -5.07 3.79
C SER A 165 8.87 -6.29 3.18
N LEU A 166 9.61 -7.01 2.35
CA LEU A 166 9.08 -8.20 1.69
C LEU A 166 9.53 -9.49 2.36
N GLU A 167 8.82 -9.90 3.41
CA GLU A 167 9.16 -11.13 4.11
C GLU A 167 8.49 -12.33 3.44
N GLN A 168 7.27 -12.12 2.96
CA GLN A 168 6.54 -13.17 2.26
C GLN A 168 5.68 -12.51 1.20
N ILE A 169 5.61 -13.16 0.04
CA ILE A 169 4.76 -12.67 -1.02
C ILE A 169 4.01 -13.88 -1.53
N GLU A 170 2.68 -13.83 -1.45
CA GLU A 170 1.85 -14.94 -1.87
C GLU A 170 0.97 -14.56 -3.06
N PHE A 171 0.94 -15.45 -4.05
CA PHE A 171 0.16 -15.25 -5.25
C PHE A 171 -0.98 -16.28 -5.31
N TRP A 172 -2.15 -15.82 -5.74
CA TRP A 172 -3.33 -16.68 -5.87
C TRP A 172 -3.88 -16.43 -7.26
N GLN A 173 -4.17 -17.50 -8.00
CA GLN A 173 -4.78 -17.32 -9.31
C GLN A 173 -5.82 -18.40 -9.55
N GLY A 174 -7.02 -17.97 -9.96
CA GLY A 174 -8.10 -18.90 -10.21
C GLY A 174 -7.66 -20.05 -11.08
N GLY A 175 -8.10 -21.26 -10.72
CA GLY A 175 -7.70 -22.41 -11.49
C GLY A 175 -8.85 -23.23 -12.05
N GLU A 176 -8.50 -24.09 -13.00
CA GLU A 176 -9.46 -24.97 -13.64
C GLU A 176 -10.11 -25.86 -12.57
N HIS A 177 -11.40 -26.08 -12.70
CA HIS A 177 -12.16 -26.91 -11.76
C HIS A 177 -12.17 -26.31 -10.35
N ARG A 178 -11.91 -25.01 -10.26
CA ARG A 178 -11.87 -24.30 -8.98
C ARG A 178 -10.70 -24.82 -8.14
N LEU A 179 -9.70 -25.40 -8.80
CA LEU A 179 -8.51 -25.89 -8.11
C LEU A 179 -7.50 -24.77 -8.32
N HIS A 180 -7.54 -23.78 -7.45
CA HIS A 180 -6.69 -22.60 -7.58
C HIS A 180 -5.22 -22.77 -7.32
N ASP A 181 -4.42 -22.00 -8.05
CA ASP A 181 -2.97 -22.04 -7.91
C ASP A 181 -2.52 -21.01 -6.88
N ARG A 182 -1.75 -21.45 -5.89
CA ARG A 182 -1.24 -20.58 -4.85
C ARG A 182 0.23 -20.85 -4.68
N PHE A 183 1.03 -19.80 -4.68
CA PHE A 183 2.45 -19.94 -4.46
C PHE A 183 2.91 -18.93 -3.43
N LEU A 184 3.63 -19.44 -2.44
CA LEU A 184 4.15 -18.60 -1.39
C LEU A 184 5.66 -18.46 -1.54
N TYR A 185 6.14 -17.23 -1.66
CA TYR A 185 7.57 -16.96 -1.73
C TYR A 185 7.91 -16.49 -0.32
N GLN A 186 8.87 -17.14 0.33
CA GLN A 186 9.25 -16.74 1.67
C GLN A 186 10.73 -16.40 1.72
N ARG A 187 11.04 -15.20 2.19
CA ARG A 187 12.42 -14.76 2.27
C ARG A 187 13.13 -15.61 3.32
N GLU A 188 14.20 -16.28 2.91
CA GLU A 188 14.95 -17.15 3.80
C GLU A 188 16.43 -17.16 3.41
N ASN A 189 17.28 -16.71 4.33
CA ASN A 189 18.73 -16.67 4.11
C ASN A 189 19.14 -15.96 2.82
N ASP A 190 18.71 -14.71 2.66
CA ASP A 190 19.04 -13.93 1.48
C ASP A 190 18.60 -14.58 0.18
N ALA A 191 17.52 -15.33 0.22
CA ALA A 191 17.00 -16.01 -0.96
C ALA A 191 15.51 -16.21 -0.80
N TRP A 192 14.86 -16.73 -1.83
CA TRP A 192 13.43 -16.97 -1.78
C TRP A 192 13.09 -18.46 -1.85
N LYS A 193 12.34 -18.94 -0.87
CA LYS A 193 11.91 -20.32 -0.84
C LYS A 193 10.47 -20.30 -1.39
N ILE A 194 10.19 -21.15 -2.37
CA ILE A 194 8.87 -21.19 -2.98
C ILE A 194 8.13 -22.50 -2.70
N ASP A 195 6.87 -22.39 -2.26
CA ASP A 195 6.05 -23.56 -2.01
C ASP A 195 4.65 -23.35 -2.57
N ARG A 196 4.07 -24.39 -3.14
CA ARG A 196 2.70 -24.30 -3.61
C ARG A 196 1.86 -24.58 -2.36
N LEU A 197 0.73 -23.89 -2.22
CA LEU A 197 -0.16 -24.12 -1.08
C LEU A 197 -1.50 -24.66 -1.58
N ALA A 198 -2.12 -25.56 -0.83
CA ALA A 198 -3.41 -26.09 -1.22
C ALA A 198 -4.45 -24.96 -1.15
N PRO A 199 -5.37 -24.89 -2.14
CA PRO A 199 -6.40 -23.85 -2.20
C PRO A 199 -7.56 -23.98 -1.23
P PO4 B . 3.68 -27.55 -9.66
O1 PO4 B . 3.63 -27.17 -8.20
O2 PO4 B . 2.77 -28.69 -9.93
O3 PO4 B . 5.09 -27.88 -10.03
O4 PO4 B . 3.21 -26.41 -10.48
N1 FMN C . -5.34 7.00 2.94
C2 FMN C . -4.04 7.28 3.11
O2 FMN C . -3.60 7.78 4.13
N3 FMN C . -3.11 7.03 2.02
C4 FMN C . -3.53 6.56 0.77
O4 FMN C . -2.72 6.35 -0.13
C4A FMN C . -4.92 6.29 0.56
N5 FMN C . -5.39 5.84 -0.62
C5A FMN C . -6.73 5.48 -0.84
C6 FMN C . -7.12 4.92 -2.12
C7 FMN C . -8.44 4.47 -2.32
C7M FMN C . -8.86 3.86 -3.66
C8 FMN C . -9.44 4.55 -1.20
C8M FMN C . -10.85 4.01 -1.28
C9 FMN C . -9.04 5.13 0.04
C9A FMN C . -7.72 5.60 0.28
N10 FMN C . -7.16 6.15 1.53
C10 FMN C . -5.84 6.51 1.75
C1' FMN C . -8.11 6.32 2.68
C2' FMN C . -7.94 5.09 3.66
O2' FMN C . -8.65 3.95 3.16
C3' FMN C . -8.40 5.42 5.09
O3' FMN C . -9.75 5.98 4.99
C4' FMN C . -7.46 6.48 5.74
O4' FMN C . -6.07 6.33 5.42
C5' FMN C . -7.56 6.50 7.25
O5' FMN C . -7.32 5.04 7.81
P FMN C . -7.03 4.83 9.29
O1P FMN C . -7.14 3.35 9.46
O2P FMN C . -5.70 5.29 9.63
O3P FMN C . -8.05 5.64 10.06
#